data_4FOM
#
_entry.id   4FOM
#
_cell.length_a   131.867
_cell.length_b   131.867
_cell.length_c   247.543
_cell.angle_alpha   90.00
_cell.angle_beta   90.00
_cell.angle_gamma   120.00
#
_symmetry.space_group_name_H-M   'P 65 2 2'
#
loop_
_entity.id
_entity.type
_entity.pdbx_description
1 polymer 'Poliovirus receptor-related protein 3'
2 branched alpha-D-mannopyranose-(1-3)-[alpha-D-mannopyranose-(1-6)]beta-D-mannopyranose-(1-4)-2-acetamido-2-deoxy-beta-D-glucopyranose-(1-4)-2-acetamido-2-deoxy-beta-D-glucopyranose
3 branched beta-D-mannopyranose-(1-4)-2-acetamido-2-deoxy-beta-D-glucopyranose-(1-4)-2-acetamido-2-deoxy-beta-D-glucopyranose
4 branched alpha-D-mannopyranose-(1-3)-[alpha-D-mannopyranose-(1-6)]beta-D-mannopyranose-(1-4)-2-acetamido-2-deoxy-beta-D-glucopyranose-(1-4)-[alpha-L-fucopyranose-(1-6)]2-acetamido-2-deoxy-beta-D-glucopyranose
5 non-polymer 2-acetamido-2-deoxy-beta-D-glucopyranose
#
_entity_poly.entity_id   1
_entity_poly.type   'polypeptide(L)'
_entity_poly.pdbx_seq_one_letter_code
;GPIIVEPHVTAVWGKNVSLKCLIEVNETITQISWEKIHGKSSQTVAVHHPQYGFSVQGEYQGRVLFKNYSLNDATITLHN
IGFSDSGKYICKAVTFPLGNAQSSTTVTVLVEPTVSLIKGPDSLIDGGNETVAAICIAATGKPVAHIDWEGDLGEMESTT
TSFPNETATIISQYKLFPTRFARGRRITCVVKHPALEKDIRYSFILDIQYAPEVSVTGYDGNWFVGRKGVNLKCNADANP
PPFKSVWSRLDGQWPDGLLASDNTLHFVHPLTFNYSGVYICKVTNSLGQRSDQKVIYISDPPHHHHHH
;
_entity_poly.pdbx_strand_id   A
#
# COMPACT_ATOMS: atom_id res chain seq x y z
N GLY A 1 -26.68 25.09 25.36
CA GLY A 1 -26.01 25.67 26.57
C GLY A 1 -25.63 27.13 26.37
N PRO A 2 -25.34 27.84 27.48
CA PRO A 2 -24.95 29.25 27.45
C PRO A 2 -23.72 29.49 26.60
N ILE A 3 -22.72 28.64 26.81
CA ILE A 3 -21.52 28.59 25.97
C ILE A 3 -21.45 27.26 25.24
N ILE A 4 -21.50 27.31 23.93
CA ILE A 4 -21.46 26.07 23.13
C ILE A 4 -20.06 25.81 22.60
N VAL A 5 -19.51 24.68 23.01
CA VAL A 5 -18.25 24.17 22.48
C VAL A 5 -18.35 22.68 22.23
N GLU A 6 -17.65 22.18 21.21
CA GLU A 6 -17.64 20.74 20.93
C GLU A 6 -16.68 20.04 21.87
N PRO A 7 -17.12 18.90 22.45
CA PRO A 7 -16.34 18.19 23.42
C PRO A 7 -15.62 17.03 22.81
N HIS A 8 -14.71 16.45 23.58
CA HIS A 8 -13.94 15.22 23.17
C HIS A 8 -13.26 15.32 21.81
N VAL A 9 -12.68 16.48 21.54
CA VAL A 9 -11.96 16.69 20.29
C VAL A 9 -10.66 15.89 20.28
N THR A 10 -10.10 15.73 19.08
CA THR A 10 -8.85 14.97 18.89
C THR A 10 -7.90 15.76 18.03
N ALA A 11 -6.70 16.02 18.55
CA ALA A 11 -5.72 16.84 17.83
C ALA A 11 -4.52 16.00 17.36
N VAL A 12 -4.06 16.30 16.15
CA VAL A 12 -3.00 15.50 15.45
C VAL A 12 -1.63 16.13 15.74
N TRP A 13 -0.68 15.27 16.08
CA TRP A 13 0.69 15.67 16.46
C TRP A 13 1.24 16.58 15.43
N GLY A 14 2.02 17.56 15.85
CA GLY A 14 2.79 18.43 14.90
C GLY A 14 1.95 19.35 14.06
N LYS A 15 0.75 18.91 13.71
CA LYS A 15 -0.22 19.76 13.02
C LYS A 15 -0.95 20.62 14.03
N ASN A 16 -1.90 21.41 13.56
CA ASN A 16 -2.67 22.24 14.49
C ASN A 16 -4.11 21.80 14.62
N VAL A 17 -4.87 22.59 15.36
CA VAL A 17 -6.22 22.23 15.77
C VAL A 17 -6.97 23.49 16.20
N SER A 18 -8.21 23.58 15.72
CA SER A 18 -9.08 24.73 16.02
C SER A 18 -10.02 24.42 17.18
N LEU A 19 -9.84 25.16 18.27
CA LEU A 19 -10.70 25.01 19.48
C LEU A 19 -11.90 26.01 19.46
N LYS A 20 -12.94 25.61 18.75
CA LYS A 20 -14.10 26.47 18.51
C LYS A 20 -14.79 26.71 19.79
N CYS A 21 -15.21 27.96 19.97
CA CYS A 21 -15.99 28.37 21.12
C CYS A 21 -16.78 29.61 20.79
N LEU A 22 -18.09 29.51 20.94
CA LEU A 22 -18.99 30.63 20.64
C LEU A 22 -20.02 30.83 21.74
N ILE A 23 -20.43 32.09 21.92
CA ILE A 23 -21.11 32.52 23.17
C ILE A 23 -22.35 33.40 22.93
N GLU A 24 -23.24 32.95 22.04
CA GLU A 24 -24.47 33.72 21.71
C GLU A 24 -25.40 33.82 22.91
N VAL A 25 -25.11 34.80 23.76
CA VAL A 25 -26.03 35.23 24.81
C VAL A 25 -26.33 36.72 24.66
N ASN A 26 -27.61 37.09 24.69
CA ASN A 26 -28.02 38.51 24.54
C ASN A 26 -27.36 39.41 25.61
N GLU A 27 -26.57 38.76 26.47
CA GLU A 27 -25.75 39.46 27.47
C GLU A 27 -24.51 40.12 26.88
N THR A 28 -24.17 41.29 27.42
CA THR A 28 -22.97 42.01 26.98
C THR A 28 -21.72 41.47 27.66
N ILE A 29 -20.69 41.26 26.84
CA ILE A 29 -19.49 40.46 27.23
C ILE A 29 -18.33 41.34 27.68
N THR A 30 -17.62 40.92 28.73
CA THR A 30 -16.52 41.76 29.28
C THR A 30 -15.12 41.08 29.33
N GLN A 31 -15.09 39.75 29.36
CA GLN A 31 -13.79 39.00 29.27
C GLN A 31 -13.93 37.56 28.75
N ILE A 32 -12.89 37.12 28.05
CA ILE A 32 -12.92 35.83 27.37
C ILE A 32 -11.62 35.07 27.57
N SER A 33 -11.72 33.94 28.23
CA SER A 33 -10.55 33.16 28.61
C SER A 33 -10.59 31.78 28.02
N TRP A 34 -9.42 31.19 27.93
CA TRP A 34 -9.25 29.77 27.71
C TRP A 34 -8.31 29.27 28.75
N GLU A 35 -8.68 28.16 29.38
CA GLU A 35 -7.82 27.57 30.43
C GLU A 35 -7.73 26.06 30.28
N LYS A 36 -6.52 25.56 30.13
CA LYS A 36 -6.26 24.13 30.36
C LYS A 36 -6.01 23.95 31.81
N ILE A 37 -6.71 23.03 32.43
CA ILE A 37 -6.38 22.67 33.83
C ILE A 37 -5.47 21.49 33.86
N HIS A 38 -4.30 21.69 34.41
CA HIS A 38 -3.61 20.61 34.99
C HIS A 38 -4.46 20.38 36.25
N GLY A 39 -4.25 19.25 36.92
CA GLY A 39 -5.17 18.80 37.99
C GLY A 39 -5.42 19.84 39.05
N LYS A 40 -6.64 20.39 39.02
CA LYS A 40 -7.10 21.35 40.06
C LYS A 40 -6.37 22.70 39.95
N SER A 41 -5.34 22.75 39.13
CA SER A 41 -4.63 24.01 38.85
C SER A 41 -4.89 24.48 37.43
N SER A 42 -5.32 25.73 37.31
CA SER A 42 -5.78 26.29 36.02
C SER A 42 -4.74 27.20 35.38
N GLN A 43 -3.94 26.63 34.52
CA GLN A 43 -3.04 27.45 33.70
C GLN A 43 -3.84 28.13 32.59
N THR A 44 -3.86 29.45 32.64
CA THR A 44 -4.54 30.24 31.61
C THR A 44 -3.76 30.13 30.28
N VAL A 45 -4.50 30.26 29.19
CA VAL A 45 -3.93 30.09 27.83
C VAL A 45 -4.05 31.37 27.02
N ALA A 46 -5.28 31.78 26.78
CA ALA A 46 -5.57 32.98 26.02
C ALA A 46 -6.63 33.83 26.69
N VAL A 47 -6.50 35.13 26.54
CA VAL A 47 -7.41 36.08 27.15
C VAL A 47 -7.69 37.22 26.18
N HIS A 48 -8.96 37.60 26.07
CA HIS A 48 -9.36 38.73 25.19
C HIS A 48 -10.14 39.75 25.93
N HIS A 49 -9.67 40.99 25.87
CA HIS A 49 -10.35 42.13 26.49
C HIS A 49 -10.86 43.10 25.42
N PRO A 50 -12.02 43.72 25.65
CA PRO A 50 -12.55 44.70 24.69
C PRO A 50 -11.80 46.02 24.76
N GLN A 51 -10.97 46.16 25.78
CA GLN A 51 -10.19 47.40 25.97
C GLN A 51 -8.69 47.15 25.89
N TYR A 52 -8.23 46.16 26.63
CA TYR A 52 -6.77 45.94 26.81
C TYR A 52 -6.29 44.71 26.05
N GLY A 53 -6.58 44.69 24.75
CA GLY A 53 -5.96 43.76 23.80
C GLY A 53 -6.06 42.30 24.18
N PHE A 54 -5.04 41.54 23.79
CA PHE A 54 -4.98 40.09 24.04
C PHE A 54 -3.98 39.77 25.12
N SER A 55 -3.89 38.49 25.48
CA SER A 55 -2.75 37.97 26.26
C SER A 55 -2.57 36.49 26.05
N VAL A 56 -1.35 36.11 25.78
CA VAL A 56 -1.01 34.71 25.60
C VAL A 56 0.02 34.28 26.63
N GLN A 57 -0.28 33.20 27.31
CA GLN A 57 0.47 32.82 28.51
C GLN A 57 1.73 32.05 28.17
N GLY A 58 2.70 32.14 29.06
CA GLY A 58 3.83 31.22 29.04
C GLY A 58 3.37 29.85 29.52
N GLU A 59 3.80 28.79 28.86
CA GLU A 59 4.76 28.88 27.75
C GLU A 59 4.06 28.88 26.37
N TYR A 60 2.75 29.01 26.37
CA TYR A 60 1.94 28.93 25.12
C TYR A 60 2.20 30.09 24.16
N GLN A 61 3.11 30.97 24.55
CA GLN A 61 3.23 32.34 23.93
C GLN A 61 3.31 32.34 22.40
N GLY A 62 4.08 31.43 21.82
CA GLY A 62 4.21 31.35 20.37
C GLY A 62 3.08 30.57 19.73
N ARG A 63 2.57 29.57 20.44
CA ARG A 63 1.81 28.44 19.81
C ARG A 63 0.28 28.63 19.84
N VAL A 64 -0.18 29.82 20.20
CA VAL A 64 -1.63 30.10 20.19
C VAL A 64 -1.98 31.42 19.51
N LEU A 65 -3.05 31.39 18.74
CA LEU A 65 -3.53 32.58 18.02
C LEU A 65 -5.05 32.65 18.14
N PHE A 66 -5.58 33.87 18.16
CA PHE A 66 -7.04 34.07 18.20
C PHE A 66 -7.61 34.19 16.81
N LYS A 67 -8.42 33.20 16.44
CA LYS A 67 -8.96 33.10 15.06
C LYS A 67 -9.92 34.25 14.75
N ASN A 68 -10.53 34.79 15.80
CA ASN A 68 -11.47 35.90 15.63
C ASN A 68 -11.23 37.04 16.61
N TYR A 69 -11.16 38.25 16.06
CA TYR A 69 -10.83 39.46 16.83
C TYR A 69 -12.06 40.00 17.54
N SER A 70 -13.20 39.42 17.20
CA SER A 70 -14.48 39.75 17.83
C SER A 70 -14.53 39.28 19.28
N LEU A 71 -15.48 39.82 20.02
CA LEU A 71 -15.69 39.45 21.43
C LEU A 71 -16.58 38.22 21.54
N ASN A 72 -16.74 37.50 20.46
CA ASN A 72 -17.71 36.39 20.45
C ASN A 72 -17.14 35.03 20.07
N ASP A 73 -16.15 35.01 19.17
CA ASP A 73 -15.44 33.75 18.83
C ASP A 73 -14.20 33.61 19.66
N ALA A 74 -14.32 32.89 20.76
CA ALA A 74 -13.16 32.47 21.58
C ALA A 74 -12.36 31.46 20.82
N THR A 75 -12.80 31.20 19.59
CA THR A 75 -12.16 30.24 18.70
C THR A 75 -10.68 30.52 18.57
N ILE A 76 -9.91 29.50 18.85
CA ILE A 76 -8.46 29.58 18.76
C ILE A 76 -7.87 28.35 18.05
N THR A 77 -6.86 28.57 17.23
CA THR A 77 -6.06 27.47 16.72
C THR A 77 -4.81 27.32 17.55
N LEU A 78 -4.61 26.12 18.08
CA LEU A 78 -3.37 25.81 18.79
C LEU A 78 -2.34 25.30 17.81
N HIS A 79 -1.35 26.14 17.51
CA HIS A 79 -0.27 25.78 16.55
C HIS A 79 0.62 24.71 17.12
N ASN A 80 0.81 23.65 16.34
CA ASN A 80 1.86 22.57 16.61
C ASN A 80 1.70 21.76 17.90
N ILE A 81 0.76 20.84 17.89
CA ILE A 81 0.56 19.90 19.03
C ILE A 81 1.79 19.07 19.40
N GLY A 82 1.99 18.95 20.70
CA GLY A 82 2.83 17.90 21.27
C GLY A 82 1.99 16.98 22.13
N PHE A 83 2.61 15.94 22.64
CA PHE A 83 1.92 14.95 23.54
C PHE A 83 1.22 15.62 24.72
N SER A 84 1.88 16.59 25.31
CA SER A 84 1.48 17.12 26.62
C SER A 84 0.31 18.09 26.52
N ASP A 85 -0.42 18.01 25.42
CA ASP A 85 -1.66 18.80 25.25
C ASP A 85 -2.86 17.91 25.43
N SER A 86 -2.62 16.76 26.00
CA SER A 86 -3.66 15.77 26.18
C SER A 86 -4.37 15.99 27.48
N GLY A 87 -5.49 16.69 27.42
CA GLY A 87 -6.23 17.04 28.65
C GLY A 87 -7.52 17.82 28.44
N LYS A 88 -8.04 18.37 29.55
CA LYS A 88 -9.31 19.10 29.55
C LYS A 88 -9.09 20.62 29.55
N TYR A 89 -9.62 21.27 28.53
CA TYR A 89 -9.50 22.72 28.37
C TYR A 89 -10.87 23.33 28.48
N ILE A 90 -10.97 24.38 29.27
CA ILE A 90 -12.28 25.06 29.49
C ILE A 90 -12.30 26.50 29.02
N CYS A 91 -13.41 26.90 28.43
CA CYS A 91 -13.57 28.26 27.95
C CYS A 91 -14.41 29.09 28.89
N LYS A 92 -13.77 30.08 29.47
CA LYS A 92 -14.37 30.93 30.52
C LYS A 92 -14.84 32.26 29.94
N ALA A 93 -16.13 32.50 30.00
CA ALA A 93 -16.72 33.74 29.51
C ALA A 93 -17.23 34.56 30.66
N VAL A 94 -16.69 35.77 30.80
CA VAL A 94 -17.12 36.69 31.85
C VAL A 94 -18.05 37.75 31.30
N THR A 95 -19.24 37.79 31.87
CA THR A 95 -20.27 38.76 31.45
C THR A 95 -20.56 39.77 32.53
N PHE A 96 -21.27 40.81 32.16
CA PHE A 96 -21.76 41.81 33.14
C PHE A 96 -23.23 42.16 33.26
N PRO A 97 -23.88 41.64 34.37
CA PRO A 97 -23.28 40.86 35.44
C PRO A 97 -23.40 39.37 35.90
N LEU A 98 -24.06 38.52 35.10
CA LEU A 98 -24.20 37.07 35.48
C LEU A 98 -23.01 36.48 36.26
N GLY A 99 -21.80 36.89 35.90
CA GLY A 99 -20.59 36.23 36.39
C GLY A 99 -19.96 35.45 35.27
N ASN A 100 -19.68 34.16 35.52
CA ASN A 100 -19.02 33.33 34.49
C ASN A 100 -19.57 31.90 34.35
N ALA A 101 -19.67 31.45 33.08
CA ALA A 101 -19.96 30.04 32.75
C ALA A 101 -18.80 29.44 31.98
N GLN A 102 -18.76 28.10 31.93
CA GLN A 102 -17.63 27.38 31.32
C GLN A 102 -18.06 26.09 30.62
N SER A 103 -17.47 25.84 29.47
CA SER A 103 -17.64 24.57 28.79
C SER A 103 -16.31 23.90 28.52
N SER A 104 -16.29 22.58 28.64
CA SER A 104 -15.04 21.81 28.54
C SER A 104 -14.97 20.98 27.27
N THR A 105 -13.76 20.83 26.77
CA THR A 105 -13.48 19.95 25.65
C THR A 105 -12.26 19.13 25.98
N THR A 106 -12.39 17.83 25.87
CA THR A 106 -11.28 16.92 26.18
C THR A 106 -10.54 16.53 24.90
N VAL A 107 -9.34 17.07 24.75
CA VAL A 107 -8.52 16.76 23.57
C VAL A 107 -7.52 15.66 23.85
N THR A 108 -7.67 14.56 23.10
CA THR A 108 -6.70 13.47 23.13
C THR A 108 -5.71 13.66 22.03
N VAL A 109 -4.43 13.47 22.35
CA VAL A 109 -3.36 13.56 21.35
C VAL A 109 -3.38 12.35 20.47
N LEU A 110 -3.08 12.56 19.21
CA LEU A 110 -3.13 11.50 18.22
C LEU A 110 -2.05 11.68 17.13
N VAL A 111 -1.12 10.73 17.07
CA VAL A 111 0.01 10.79 16.11
C VAL A 111 -0.14 9.82 14.98
N GLU A 112 0.16 10.31 13.79
CA GLU A 112 0.08 9.54 12.58
C GLU A 112 1.14 8.45 12.61
N PRO A 113 0.86 7.31 11.96
CA PRO A 113 1.95 6.39 11.65
C PRO A 113 2.67 6.85 10.41
N THR A 114 3.81 6.28 10.14
CA THR A 114 4.40 6.44 8.81
C THR A 114 4.60 5.08 8.14
N VAL A 115 4.03 4.94 6.97
CA VAL A 115 3.89 3.63 6.37
C VAL A 115 4.95 3.31 5.37
N SER A 116 5.24 2.05 5.28
CA SER A 116 6.20 1.55 4.31
C SER A 116 5.83 0.16 3.87
N LEU A 117 6.08 -0.09 2.59
CA LEU A 117 6.00 -1.44 2.01
C LEU A 117 7.40 -1.87 1.65
N ILE A 118 7.76 -3.07 2.02
CA ILE A 118 9.08 -3.56 1.73
C ILE A 118 9.02 -4.98 1.14
N LYS A 119 9.69 -5.15 0.00
CA LYS A 119 9.74 -6.44 -0.68
C LYS A 119 10.28 -7.48 0.28
N GLY A 120 9.50 -8.52 0.52
CA GLY A 120 9.99 -9.68 1.28
C GLY A 120 11.28 -10.21 0.67
N PRO A 121 12.17 -10.78 1.48
CA PRO A 121 13.57 -10.92 1.09
C PRO A 121 13.86 -12.10 0.12
N ASP A 122 13.30 -13.23 0.38
CA ASP A 122 13.50 -14.37 -0.50
C ASP A 122 12.67 -14.20 -1.74
N SER A 123 13.23 -14.54 -2.88
CA SER A 123 12.50 -14.49 -4.16
C SER A 123 11.46 -15.58 -4.25
N LEU A 124 10.41 -15.31 -5.00
CA LEU A 124 9.27 -16.24 -5.11
C LEU A 124 9.36 -17.06 -6.36
N ILE A 125 9.86 -18.27 -6.24
CA ILE A 125 9.78 -19.22 -7.33
C ILE A 125 8.49 -19.97 -7.23
N ASP A 126 8.21 -20.77 -8.24
CA ASP A 126 6.95 -21.55 -8.30
C ASP A 126 6.95 -22.68 -7.28
N GLY A 127 5.76 -23.16 -6.96
CA GLY A 127 5.54 -24.36 -6.12
C GLY A 127 6.55 -24.65 -5.02
N GLY A 128 6.87 -23.63 -4.25
CA GLY A 128 7.82 -23.75 -3.15
C GLY A 128 7.10 -23.51 -1.88
N ASN A 129 7.73 -23.89 -0.77
CA ASN A 129 7.22 -23.61 0.56
C ASN A 129 6.70 -22.19 0.64
N GLU A 130 5.74 -21.94 1.53
CA GLU A 130 5.27 -20.55 1.79
C GLU A 130 6.43 -19.61 1.75
N THR A 131 6.23 -18.47 1.15
CA THR A 131 7.26 -17.42 1.21
C THR A 131 6.66 -16.07 1.56
N VAL A 132 7.43 -15.30 2.31
CA VAL A 132 7.07 -13.94 2.61
C VAL A 132 7.24 -13.08 1.41
N ALA A 133 6.13 -12.60 0.87
CA ALA A 133 6.17 -11.83 -0.40
C ALA A 133 6.33 -10.37 -0.16
N ALA A 134 5.77 -9.89 0.95
CA ALA A 134 5.84 -8.46 1.28
C ALA A 134 5.59 -8.19 2.74
N ILE A 135 6.24 -7.16 3.25
CA ILE A 135 6.00 -6.68 4.63
C ILE A 135 5.52 -5.24 4.64
N CYS A 136 4.39 -5.02 5.27
CA CYS A 136 3.79 -3.69 5.38
C CYS A 136 4.09 -3.16 6.75
N ILE A 137 4.57 -1.94 6.83
CA ILE A 137 4.97 -1.35 8.15
C ILE A 137 4.24 -0.06 8.53
N ALA A 138 3.48 -0.13 9.60
CA ALA A 138 2.83 1.04 10.19
C ALA A 138 3.59 1.51 11.43
N ALA A 139 4.38 2.57 11.25
CA ALA A 139 5.40 2.93 12.21
C ALA A 139 4.95 3.98 13.23
N THR A 140 5.21 3.67 14.50
CA THR A 140 5.10 4.63 15.61
C THR A 140 3.74 5.31 15.63
N GLY A 141 2.73 4.58 15.19
CA GLY A 141 1.37 5.11 15.20
C GLY A 141 0.76 5.10 16.58
N LYS A 142 -0.09 6.08 16.83
CA LYS A 142 -0.86 6.18 18.10
C LYS A 142 -2.29 6.58 17.79
N PRO A 143 -3.27 5.72 18.15
CA PRO A 143 -3.07 4.37 18.66
C PRO A 143 -2.58 3.47 17.58
N VAL A 144 -2.32 2.21 17.92
CA VAL A 144 -1.77 1.25 16.96
C VAL A 144 -2.52 1.38 15.70
N ALA A 145 -1.83 1.68 14.62
CA ALA A 145 -2.47 1.73 13.32
C ALA A 145 -3.03 0.38 13.02
N HIS A 146 -3.88 0.30 12.01
CA HIS A 146 -4.34 -1.03 11.59
C HIS A 146 -4.20 -1.29 10.13
N ILE A 147 -4.15 -2.58 9.80
CA ILE A 147 -3.61 -3.03 8.53
C ILE A 147 -4.49 -4.10 7.91
N ASP A 148 -4.36 -4.27 6.62
CA ASP A 148 -5.21 -5.17 5.88
C ASP A 148 -4.73 -5.25 4.46
N TRP A 149 -4.66 -6.45 3.93
CA TRP A 149 -4.26 -6.65 2.52
C TRP A 149 -5.44 -6.99 1.68
N GLU A 150 -5.45 -6.52 0.44
CA GLU A 150 -6.60 -6.85 -0.47
C GLU A 150 -6.52 -8.09 -1.42
N GLY A 151 -5.42 -8.87 -1.39
CA GLY A 151 -5.22 -9.94 -2.41
C GLY A 151 -5.92 -11.33 -2.32
N ASP A 152 -6.41 -11.74 -1.15
CA ASP A 152 -7.12 -13.07 -1.04
C ASP A 152 -6.39 -14.15 -1.86
N LEU A 153 -5.07 -14.17 -1.70
CA LEU A 153 -4.15 -14.97 -2.57
C LEU A 153 -3.07 -15.64 -1.69
N GLY A 154 -3.28 -15.55 -0.39
CA GLY A 154 -2.31 -16.02 0.61
C GLY A 154 -2.75 -15.56 1.99
N GLU A 155 -1.78 -15.43 2.89
CA GLU A 155 -2.12 -15.19 4.29
C GLU A 155 -1.43 -13.94 4.91
N MET A 156 -2.25 -13.14 5.57
CA MET A 156 -1.80 -12.04 6.43
C MET A 156 -1.30 -12.57 7.77
N GLU A 157 -0.60 -11.71 8.47
CA GLU A 157 0.03 -12.05 9.75
C GLU A 157 0.84 -10.78 10.13
N SER A 158 1.06 -10.58 11.41
CA SER A 158 1.62 -9.30 11.88
C SER A 158 2.03 -9.38 13.32
N THR A 159 3.14 -8.72 13.60
CA THR A 159 3.61 -8.53 14.95
C THR A 159 3.77 -7.08 15.29
N THR A 160 3.25 -6.72 16.42
CA THR A 160 3.09 -5.33 16.78
C THR A 160 3.78 -5.05 18.09
N THR A 161 4.74 -4.13 18.07
CA THR A 161 5.45 -3.73 19.30
C THR A 161 5.15 -2.28 19.68
N SER A 162 5.02 -2.04 20.99
CA SER A 162 4.56 -0.74 21.52
C SER A 162 5.62 -0.07 22.41
N PHE A 163 5.47 1.24 22.59
CA PHE A 163 6.57 2.07 23.18
C PHE A 163 6.20 2.75 24.50
N PRO A 164 7.20 3.35 25.17
CA PRO A 164 7.01 4.31 26.21
C PRO A 164 6.14 5.47 25.79
N ASN A 165 6.45 6.02 24.62
CA ASN A 165 5.75 7.23 24.11
C ASN A 165 4.25 7.06 24.04
N GLU A 166 3.80 5.84 24.32
CA GLU A 166 2.36 5.42 24.17
C GLU A 166 1.90 5.41 22.71
N THR A 167 2.87 5.14 21.81
CA THR A 167 2.61 4.78 20.40
C THR A 167 3.12 3.38 20.13
N ALA A 168 2.88 2.90 18.92
CA ALA A 168 3.25 1.53 18.56
C ALA A 168 3.54 1.37 17.10
N THR A 169 4.25 0.28 16.78
CA THR A 169 4.49 -0.11 15.39
C THR A 169 4.06 -1.55 15.14
N ILE A 170 3.18 -1.74 14.16
CA ILE A 170 2.77 -3.08 13.71
C ILE A 170 3.35 -3.39 12.36
N ILE A 171 3.80 -4.62 12.18
CA ILE A 171 4.31 -5.02 10.85
C ILE A 171 3.64 -6.28 10.32
N SER A 172 2.86 -6.10 9.27
CA SER A 172 2.15 -7.21 8.65
C SER A 172 2.97 -7.85 7.57
N GLN A 173 3.21 -9.13 7.75
CA GLN A 173 3.95 -9.93 6.78
C GLN A 173 2.98 -10.73 5.93
N TYR A 174 2.97 -10.46 4.63
CA TYR A 174 2.06 -11.19 3.71
C TYR A 174 2.75 -12.35 3.03
N LYS A 175 2.17 -13.52 3.15
CA LYS A 175 2.83 -14.77 2.71
C LYS A 175 1.92 -15.70 1.94
N LEU A 176 2.51 -16.43 0.99
CA LEU A 176 1.76 -17.29 0.06
C LEU A 176 2.59 -18.45 -0.44
N PHE A 177 1.91 -19.52 -0.82
CA PHE A 177 2.50 -20.54 -1.69
C PHE A 177 2.47 -20.01 -3.12
N PRO A 178 3.60 -19.70 -3.69
CA PRO A 178 3.59 -18.96 -4.90
C PRO A 178 3.32 -19.83 -6.09
N THR A 179 2.38 -19.42 -6.94
CA THR A 179 2.14 -20.10 -8.25
C THR A 179 2.14 -19.16 -9.43
N ARG A 180 2.67 -19.64 -10.53
CA ARG A 180 2.82 -18.82 -11.75
C ARG A 180 1.50 -18.25 -12.22
N PHE A 181 0.41 -18.88 -11.86
CA PHE A 181 -0.90 -18.38 -12.28
C PHE A 181 -1.25 -17.11 -11.51
N ALA A 182 -0.32 -16.68 -10.67
CA ALA A 182 -0.50 -15.45 -9.90
C ALA A 182 0.46 -14.38 -10.35
N ARG A 183 1.10 -14.61 -11.48
CA ARG A 183 1.99 -13.63 -12.08
C ARG A 183 1.29 -12.29 -12.21
N GLY A 184 2.00 -11.26 -11.77
CA GLY A 184 1.51 -9.87 -11.85
C GLY A 184 0.16 -9.63 -11.21
N ARG A 185 0.00 -10.08 -9.99
CA ARG A 185 -1.20 -9.78 -9.22
C ARG A 185 -0.95 -8.62 -8.34
N ARG A 186 -1.94 -7.79 -8.16
CA ARG A 186 -1.77 -6.60 -7.35
C ARG A 186 -1.98 -6.95 -5.89
N ILE A 187 -0.91 -7.03 -5.17
CA ILE A 187 -1.01 -7.07 -3.73
C ILE A 187 -0.95 -5.65 -3.22
N THR A 188 -1.78 -5.34 -2.22
CA THR A 188 -1.87 -3.95 -1.68
C THR A 188 -2.23 -4.00 -0.23
N CYS A 189 -1.37 -3.47 0.64
CA CYS A 189 -1.79 -3.30 2.05
C CYS A 189 -2.44 -1.95 2.23
N VAL A 190 -3.66 -1.95 2.75
CA VAL A 190 -4.27 -0.70 3.25
C VAL A 190 -3.96 -0.56 4.71
N VAL A 191 -3.66 0.64 5.11
CA VAL A 191 -3.51 0.93 6.53
C VAL A 191 -4.53 1.96 6.97
N LYS A 192 -5.35 1.57 7.93
CA LYS A 192 -6.38 2.42 8.46
C LYS A 192 -6.00 2.85 9.84
N HIS A 193 -6.04 4.16 10.06
CA HIS A 193 -5.75 4.73 11.36
C HIS A 193 -6.56 5.98 11.59
N PRO A 194 -7.07 6.15 12.81
CA PRO A 194 -7.86 7.29 13.24
C PRO A 194 -7.40 8.63 12.70
N ALA A 195 -6.10 8.85 12.65
CA ALA A 195 -5.56 10.17 12.26
C ALA A 195 -5.44 10.34 10.74
N LEU A 196 -5.99 9.38 9.99
CA LEU A 196 -5.88 9.38 8.49
C LEU A 196 -7.17 9.71 7.81
N GLU A 197 -7.37 11.01 7.63
CA GLU A 197 -8.59 11.60 6.98
C GLU A 197 -9.02 10.84 5.73
N LYS A 198 -8.07 10.11 5.17
CA LYS A 198 -8.34 9.14 4.12
C LYS A 198 -7.26 8.12 4.15
N ASP A 199 -7.63 6.90 4.52
CA ASP A 199 -6.65 5.81 4.77
C ASP A 199 -5.63 5.68 3.66
N ILE A 200 -4.42 5.25 4.02
CA ILE A 200 -3.27 5.20 3.06
C ILE A 200 -2.97 3.78 2.60
N ARG A 201 -2.67 3.65 1.30
CA ARG A 201 -2.50 2.33 0.64
C ARG A 201 -1.16 2.24 -0.04
N TYR A 202 -0.53 1.06 0.03
CA TYR A 202 0.72 0.78 -0.74
C TYR A 202 0.61 -0.51 -1.56
N SER A 203 1.10 -0.44 -2.79
CA SER A 203 0.77 -1.45 -3.82
C SER A 203 2.00 -2.16 -4.37
N PHE A 204 1.76 -3.29 -4.98
CA PHE A 204 2.80 -4.23 -5.37
C PHE A 204 2.29 -5.01 -6.55
N ILE A 205 3.15 -5.42 -7.45
CA ILE A 205 2.80 -6.57 -8.31
C ILE A 205 3.67 -7.69 -7.94
N LEU A 206 3.15 -8.89 -8.02
CA LEU A 206 3.94 -10.04 -7.69
C LEU A 206 4.81 -10.38 -8.86
N ASP A 207 6.04 -10.73 -8.58
CA ASP A 207 6.94 -11.22 -9.61
C ASP A 207 7.33 -12.61 -9.27
N ILE A 208 6.52 -13.54 -9.71
CA ILE A 208 6.80 -14.94 -9.51
C ILE A 208 7.62 -15.45 -10.65
N GLN A 209 8.75 -16.03 -10.33
CA GLN A 209 9.54 -16.71 -11.32
C GLN A 209 9.02 -18.07 -11.55
N TYR A 210 9.31 -18.60 -12.74
CA TYR A 210 9.05 -20.00 -13.03
C TYR A 210 9.95 -20.56 -14.14
N ALA A 211 10.03 -21.88 -14.16
CA ALA A 211 10.65 -22.59 -15.23
C ALA A 211 9.90 -22.30 -16.55
N PRO A 212 10.60 -22.42 -17.67
CA PRO A 212 10.00 -22.21 -18.98
C PRO A 212 8.83 -23.11 -19.29
N GLU A 213 7.97 -22.61 -20.14
CA GLU A 213 6.75 -23.28 -20.47
C GLU A 213 6.60 -23.28 -21.98
N VAL A 214 6.75 -24.44 -22.61
CA VAL A 214 6.89 -24.51 -24.10
C VAL A 214 5.78 -25.26 -24.79
N SER A 215 5.46 -24.81 -26.01
CA SER A 215 4.40 -25.44 -26.85
C SER A 215 4.55 -25.10 -28.31
N VAL A 216 4.87 -26.12 -29.11
CA VAL A 216 5.00 -25.95 -30.58
C VAL A 216 3.70 -26.14 -31.31
N THR A 217 3.27 -25.10 -31.97
CA THR A 217 2.22 -25.22 -32.95
C THR A 217 2.85 -25.34 -34.30
N GLY A 218 2.03 -25.73 -35.29
CA GLY A 218 2.48 -25.81 -36.69
C GLY A 218 1.94 -27.03 -37.40
N TYR A 219 2.00 -28.15 -36.70
CA TYR A 219 1.52 -29.43 -37.24
C TYR A 219 0.00 -29.46 -37.18
N ASP A 220 -0.62 -29.37 -38.34
CA ASP A 220 -2.05 -29.58 -38.40
C ASP A 220 -2.23 -31.09 -38.63
N GLY A 221 -3.47 -31.55 -38.77
CA GLY A 221 -3.79 -33.00 -38.71
C GLY A 221 -2.82 -33.86 -39.47
N ASN A 222 -2.72 -33.64 -40.76
CA ASN A 222 -1.83 -34.41 -41.61
C ASN A 222 -0.93 -33.55 -42.41
N TRP A 223 0.31 -33.98 -42.54
CA TRP A 223 1.25 -33.37 -43.46
C TRP A 223 1.57 -34.35 -44.55
N PHE A 224 1.25 -33.98 -45.77
CA PHE A 224 1.43 -34.90 -46.91
C PHE A 224 2.70 -34.59 -47.68
N VAL A 225 3.35 -35.65 -48.14
CA VAL A 225 4.57 -35.53 -48.96
C VAL A 225 4.36 -34.52 -50.07
N GLY A 226 5.28 -33.58 -50.18
CA GLY A 226 5.27 -32.58 -51.26
C GLY A 226 4.49 -31.32 -50.95
N ARG A 227 3.94 -31.26 -49.73
CA ARG A 227 3.24 -30.05 -49.25
C ARG A 227 4.22 -28.93 -49.06
N LYS A 228 3.88 -27.76 -49.57
CA LYS A 228 4.88 -26.70 -49.78
C LYS A 228 4.73 -25.56 -48.80
N GLY A 229 5.77 -25.37 -47.99
CA GLY A 229 5.90 -24.19 -47.08
C GLY A 229 5.09 -24.28 -45.78
N VAL A 230 5.54 -25.15 -44.88
CA VAL A 230 4.90 -25.28 -43.56
C VAL A 230 5.92 -25.11 -42.44
N ASN A 231 5.45 -24.62 -41.28
CA ASN A 231 6.37 -24.24 -40.19
C ASN A 231 6.03 -24.86 -38.86
N LEU A 232 6.99 -24.76 -37.92
CA LEU A 232 6.73 -25.03 -36.46
C LEU A 232 7.35 -23.95 -35.57
N LYS A 233 6.50 -23.22 -34.85
CA LYS A 233 7.02 -22.19 -33.90
C LYS A 233 7.08 -22.72 -32.50
N CYS A 234 8.12 -22.30 -31.79
CA CYS A 234 8.54 -22.89 -30.48
C CYS A 234 7.97 -22.10 -29.34
N ASN A 235 6.77 -21.54 -29.57
CA ASN A 235 6.07 -20.69 -28.55
C ASN A 235 6.29 -21.16 -27.15
N ALA A 236 6.61 -20.23 -26.27
CA ALA A 236 7.06 -20.55 -24.92
C ALA A 236 6.98 -19.38 -24.04
N ASP A 237 6.29 -19.52 -22.94
CA ASP A 237 6.26 -18.44 -21.91
C ASP A 237 7.02 -18.85 -20.65
N ALA A 238 7.97 -18.01 -20.26
CA ALA A 238 8.83 -18.28 -19.11
C ALA A 238 9.25 -16.99 -18.47
N ASN A 239 9.61 -17.05 -17.18
CA ASN A 239 10.12 -15.86 -16.44
C ASN A 239 11.11 -16.24 -15.39
N PRO A 240 12.27 -15.59 -15.38
CA PRO A 240 12.66 -14.53 -16.28
C PRO A 240 12.59 -14.98 -17.72
N PRO A 241 12.61 -14.02 -18.65
CA PRO A 241 12.76 -14.41 -20.00
C PRO A 241 13.90 -15.42 -20.16
N PRO A 242 13.73 -16.34 -21.08
CA PRO A 242 14.74 -17.31 -21.41
C PRO A 242 15.85 -16.72 -22.24
N PHE A 243 16.89 -17.51 -22.46
CA PHE A 243 17.97 -17.14 -23.41
C PHE A 243 18.15 -18.19 -24.53
N LYS A 244 18.28 -19.43 -24.15
CA LYS A 244 18.50 -20.51 -25.10
C LYS A 244 17.17 -21.08 -25.52
N SER A 245 17.03 -21.32 -26.82
CA SER A 245 15.79 -21.95 -27.39
C SER A 245 16.10 -22.88 -28.58
N VAL A 246 17.10 -23.73 -28.39
CA VAL A 246 17.58 -24.71 -29.40
C VAL A 246 16.51 -25.68 -29.89
N TRP A 247 16.59 -25.97 -31.19
CA TRP A 247 15.50 -26.64 -31.95
C TRP A 247 15.90 -28.03 -32.44
N SER A 248 16.22 -28.93 -31.52
CA SER A 248 16.85 -30.21 -31.92
C SER A 248 15.84 -31.25 -32.38
N ARG A 249 16.32 -32.21 -33.16
CA ARG A 249 15.53 -33.39 -33.56
C ARG A 249 15.93 -34.59 -32.70
N LEU A 250 14.94 -35.24 -32.12
CA LEU A 250 15.20 -36.27 -31.08
C LEU A 250 15.94 -37.44 -31.67
N ASP A 251 15.60 -37.77 -32.90
CA ASP A 251 16.35 -38.74 -33.65
C ASP A 251 17.54 -37.88 -33.84
N GLY A 252 18.70 -38.35 -33.44
CA GLY A 252 19.86 -37.47 -33.27
C GLY A 252 20.00 -36.66 -34.56
N GLN A 253 19.83 -37.34 -35.70
CA GLN A 253 20.07 -36.74 -37.04
C GLN A 253 19.21 -35.50 -37.30
N TRP A 254 19.65 -34.70 -38.25
CA TRP A 254 19.04 -33.41 -38.54
C TRP A 254 19.25 -33.08 -40.01
N PRO A 255 18.20 -33.24 -40.83
CA PRO A 255 18.36 -33.06 -42.27
C PRO A 255 18.53 -31.61 -42.67
N ASP A 256 19.10 -31.39 -43.84
CA ASP A 256 19.07 -30.07 -44.46
C ASP A 256 17.73 -29.86 -45.14
N GLY A 257 17.46 -28.63 -45.54
CA GLY A 257 16.13 -28.25 -45.99
C GLY A 257 15.30 -27.66 -44.86
N LEU A 258 15.96 -27.47 -43.71
CA LEU A 258 15.37 -26.73 -42.57
C LEU A 258 16.16 -25.48 -42.27
N LEU A 259 15.47 -24.48 -41.72
CA LEU A 259 16.12 -23.29 -41.11
C LEU A 259 15.33 -22.82 -39.88
N ALA A 260 16.00 -22.12 -38.97
CA ALA A 260 15.37 -21.70 -37.71
C ALA A 260 15.25 -20.18 -37.57
N SER A 261 14.47 -19.57 -38.43
CA SER A 261 14.21 -18.14 -38.34
C SER A 261 13.49 -17.80 -37.03
N ASP A 262 14.04 -16.85 -36.29
CA ASP A 262 13.48 -16.47 -35.00
C ASP A 262 13.48 -17.77 -34.17
N ASN A 263 12.34 -18.26 -33.76
CA ASN A 263 12.26 -19.70 -33.29
C ASN A 263 11.16 -20.52 -34.00
N THR A 264 10.72 -20.00 -35.12
CA THR A 264 10.00 -20.80 -36.11
C THR A 264 10.96 -21.81 -36.74
N LEU A 265 10.41 -22.94 -37.13
CA LEU A 265 11.18 -23.95 -37.89
C LEU A 265 10.61 -24.10 -39.30
N HIS A 266 11.38 -23.63 -40.27
CA HIS A 266 10.97 -23.62 -41.67
C HIS A 266 11.27 -24.91 -42.35
N PHE A 267 10.39 -25.33 -43.24
CA PHE A 267 10.69 -26.42 -44.19
C PHE A 267 10.68 -25.90 -45.61
N VAL A 268 11.74 -25.18 -45.96
CA VAL A 268 11.79 -24.35 -47.20
C VAL A 268 11.89 -25.21 -48.49
N HIS A 269 12.18 -26.49 -48.31
CA HIS A 269 11.99 -27.48 -49.37
C HIS A 269 10.65 -28.15 -49.21
N PRO A 270 9.91 -28.32 -50.31
CA PRO A 270 8.69 -29.11 -50.28
C PRO A 270 8.90 -30.43 -49.60
N LEU A 271 7.86 -30.95 -48.98
CA LEU A 271 8.01 -32.09 -48.05
C LEU A 271 8.49 -33.37 -48.74
N THR A 272 9.39 -34.06 -48.07
CA THR A 272 9.83 -35.41 -48.48
C THR A 272 9.45 -36.47 -47.44
N PHE A 273 9.74 -37.72 -47.72
CA PHE A 273 9.46 -38.83 -46.78
C PHE A 273 10.59 -38.89 -45.76
N ASN A 274 11.63 -38.10 -46.03
CA ASN A 274 12.48 -37.57 -44.98
C ASN A 274 11.71 -36.64 -44.10
N TYR A 275 12.33 -36.15 -43.05
CA TYR A 275 11.68 -35.20 -42.12
C TYR A 275 10.87 -35.93 -41.10
N SER A 276 10.77 -37.24 -41.25
CA SER A 276 9.79 -38.02 -40.47
C SER A 276 10.34 -38.35 -39.11
N GLY A 277 10.45 -37.34 -38.27
CA GLY A 277 11.06 -37.48 -36.94
C GLY A 277 10.36 -36.65 -35.89
N VAL A 278 10.57 -37.01 -34.63
CA VAL A 278 9.95 -36.26 -33.54
C VAL A 278 10.79 -35.05 -33.19
N TYR A 279 10.22 -33.89 -33.44
CA TYR A 279 10.92 -32.61 -33.31
C TYR A 279 10.70 -31.96 -31.95
N ILE A 280 11.78 -31.48 -31.36
CA ILE A 280 11.75 -30.98 -29.98
C ILE A 280 12.61 -29.71 -29.82
N CYS A 281 11.96 -28.61 -29.38
CA CYS A 281 12.73 -27.38 -29.02
C CYS A 281 12.85 -27.23 -27.53
N LYS A 282 14.03 -26.77 -27.13
CA LYS A 282 14.43 -26.80 -25.71
C LYS A 282 14.76 -25.42 -25.22
N VAL A 283 13.93 -24.91 -24.34
CA VAL A 283 14.03 -23.50 -23.88
C VAL A 283 14.55 -23.36 -22.44
N THR A 284 15.42 -22.38 -22.24
CA THR A 284 16.26 -22.32 -21.04
C THR A 284 16.32 -20.92 -20.49
N ASN A 285 16.01 -20.79 -19.22
CA ASN A 285 16.16 -19.50 -18.52
C ASN A 285 16.84 -19.65 -17.17
N SER A 286 16.91 -18.55 -16.43
CA SER A 286 17.48 -18.55 -15.05
C SER A 286 17.14 -19.82 -14.29
N LEU A 287 15.93 -20.31 -14.49
CA LEU A 287 15.39 -21.44 -13.67
C LEU A 287 15.60 -22.81 -14.28
N GLY A 288 16.17 -22.84 -15.46
CA GLY A 288 16.48 -24.10 -16.11
C GLY A 288 15.86 -24.28 -17.48
N GLN A 289 15.96 -25.50 -18.00
CA GLN A 289 15.56 -25.82 -19.35
C GLN A 289 14.32 -26.66 -19.33
N ARG A 290 13.38 -26.33 -20.21
CA ARG A 290 12.20 -27.18 -20.45
C ARG A 290 12.03 -27.38 -21.93
N SER A 291 11.29 -28.41 -22.30
CA SER A 291 11.09 -28.71 -23.75
C SER A 291 9.78 -29.38 -24.08
N ASP A 292 9.38 -29.22 -25.31
CA ASP A 292 8.21 -29.88 -25.84
C ASP A 292 8.53 -30.43 -27.22
N GLN A 293 7.82 -31.49 -27.60
CA GLN A 293 7.99 -32.10 -28.94
C GLN A 293 6.68 -32.35 -29.67
N LYS A 294 6.74 -32.30 -30.99
CA LYS A 294 5.62 -32.74 -31.84
C LYS A 294 6.02 -33.86 -32.77
N VAL A 295 5.33 -34.98 -32.63
CA VAL A 295 5.59 -36.19 -33.43
C VAL A 295 5.17 -35.98 -34.88
N ILE A 296 6.15 -35.68 -35.73
CA ILE A 296 5.87 -35.30 -37.12
C ILE A 296 5.76 -36.52 -38.01
N TYR A 297 4.62 -36.62 -38.69
CA TYR A 297 4.34 -37.73 -39.62
C TYR A 297 4.07 -37.21 -41.01
N ILE A 298 4.77 -37.75 -41.99
CA ILE A 298 4.48 -37.45 -43.40
C ILE A 298 3.82 -38.62 -44.09
N SER A 299 2.70 -38.33 -44.73
CA SER A 299 1.86 -39.36 -45.33
C SER A 299 1.55 -39.01 -46.78
N ASP A 300 0.84 -39.91 -47.46
CA ASP A 300 0.32 -39.60 -48.79
C ASP A 300 -0.99 -40.35 -49.09
N PRO A 301 -2.02 -39.61 -49.60
CA PRO A 301 -3.36 -40.20 -49.85
C PRO A 301 -3.48 -40.96 -51.19
N PRO A 302 -4.45 -41.89 -51.28
CA PRO A 302 -4.83 -42.44 -52.58
C PRO A 302 -5.53 -41.40 -53.45
#